data_1M82
#
_entry.id   1M82
#
_entity_poly.entity_id   1
_entity_poly.type   'polyribonucleotide'
_entity_poly.pdbx_seq_one_letter_code
;GGAAGCAGGCUUCGGCCUUGUUUCC
;
_entity_poly.pdbx_strand_id   A
#